data_6B5O
#
_entry.id   6B5O
#
_cell.length_a   93.244
_cell.length_b   60.410
_cell.length_c   84.841
_cell.angle_alpha   90.00
_cell.angle_beta   107.02
_cell.angle_gamma   90.00
#
_symmetry.space_group_name_H-M   'C 1 2 1'
#
loop_
_entity.id
_entity.type
_entity.pdbx_description
1 polymer 'CIS43 Fab Heavy chain'
2 polymer 'CIS43 Fab Light chain'
3 polymer 'PfCSP peptide 29: ASN-PRO-ASN-ALA-ASN-PRO-ASN-ALA-ASN'
4 water water
#
loop_
_entity_poly.entity_id
_entity_poly.type
_entity_poly.pdbx_seq_one_letter_code
_entity_poly.pdbx_strand_id
1 'polypeptide(L)'
;(PCA)VQLVQSGAEVKKPGASVKVSCKASGYTFTSYAIHWVRQAPGQRLEWMGWIKAGNGNTRYSQKFQDRVTITRDTST
TTAYMELSSLRSEDTAVYYCALLTVLTPDDAFDIWGQGTMVTVSSASTKGPSVFPLAPSSKSTSGGTAALGCLVKDYFPE
PVTVSWNSGALTSGVHTFPAVLQSSGLYSLSSVVTVPSSSLGTQTYICNVNHKPSNTKVDKKVEPKSCDK
;
H
2 'polypeptide(L)'
;DIVMTQSPDSLAVSLGERATINCKSSQSVLYSSNNKNYLAWYQQKPGQPPNLLIYWASTRQSGVPDRFSGSGSGTDFTLT
ISSLQAEDVAVYYCHQYYSSPLTFGGGTKVEIKRTVAAPSVFIFPPSDEQLKSGTASVVCLLNNFYPREAKVQWKVDNAL
QSGNSQESVTEQDSKDSTYSLSSTLTLSKADYEKHKVYACEVTHQGLSSPVTKSFNRGEC
;
L
3 'polypeptide(L)' NANPNANPNANPNAN A
#
# COMPACT_ATOMS: atom_id res chain seq x y z
N PCA A 1 -21.36 -11.89 -2.35
CA PCA A 1 -20.11 -11.10 -2.04
CB PCA A 1 -20.11 -9.80 -2.82
CG PCA A 1 -21.56 -9.53 -3.16
CD PCA A 1 -22.19 -10.89 -3.01
OE PCA A 1 -23.33 -11.12 -3.45
C PCA A 1 -19.98 -10.78 -0.56
O PCA A 1 -20.53 -9.79 -0.10
HA PCA A 1 -19.33 -11.63 -2.32
HB2 PCA A 1 -19.72 -9.08 -2.28
HB3 PCA A 1 -19.58 -9.90 -3.64
HG2 PCA A 1 -21.95 -8.87 -2.56
HG3 PCA A 1 -21.64 -9.21 -4.09
N VAL A 2 -19.27 -11.63 0.18
CA VAL A 2 -18.87 -11.28 1.54
C VAL A 2 -18.03 -10.01 1.45
N GLN A 3 -18.30 -9.05 2.32
CA GLN A 3 -17.59 -7.78 2.25
C GLN A 3 -17.50 -7.17 3.64
N LEU A 4 -16.34 -6.57 3.92
CA LEU A 4 -16.10 -5.87 5.17
C LEU A 4 -15.60 -4.47 4.86
N VAL A 5 -16.28 -3.47 5.40
CA VAL A 5 -15.96 -2.07 5.16
C VAL A 5 -15.68 -1.39 6.49
N GLN A 6 -14.53 -0.73 6.58
CA GLN A 6 -14.09 -0.09 7.81
C GLN A 6 -14.22 1.42 7.71
N SER A 7 -14.19 2.07 8.87
CA SER A 7 -14.22 3.52 8.94
C SER A 7 -12.89 4.09 8.43
N GLY A 8 -12.84 5.42 8.33
CA GLY A 8 -11.73 6.10 7.71
C GLY A 8 -10.59 6.41 8.67
N ALA A 9 -9.46 6.79 8.08
CA ALA A 9 -8.27 7.12 8.86
C ALA A 9 -8.57 8.24 9.85
N GLU A 10 -7.86 8.21 10.97
CA GLU A 10 -8.03 9.21 12.02
C GLU A 10 -6.69 9.53 12.65
N VAL A 11 -6.61 10.71 13.25
CA VAL A 11 -5.47 11.13 14.06
C VAL A 11 -5.97 11.33 15.49
N LYS A 12 -5.22 10.80 16.44
CA LYS A 12 -5.57 10.88 17.85
C LYS A 12 -4.34 11.32 18.64
N LYS A 13 -4.58 12.00 19.74
CA LYS A 13 -3.45 12.46 20.54
C LYS A 13 -3.04 11.39 21.54
N PRO A 14 -1.76 11.39 21.95
CA PRO A 14 -1.31 10.36 22.89
C PRO A 14 -2.14 10.35 24.16
N GLY A 15 -2.46 9.14 24.64
CA GLY A 15 -3.26 8.95 25.83
C GLY A 15 -4.75 8.90 25.57
N ALA A 16 -5.21 9.27 24.38
CA ALA A 16 -6.62 9.27 24.06
C ALA A 16 -7.04 7.88 23.58
N SER A 17 -8.28 7.76 23.09
CA SER A 17 -8.84 6.50 22.62
C SER A 17 -9.26 6.63 21.17
N VAL A 18 -9.43 5.48 20.52
CA VAL A 18 -9.89 5.41 19.13
C VAL A 18 -10.82 4.22 18.99
N LYS A 19 -11.88 4.40 18.21
CA LYS A 19 -12.86 3.34 17.96
C LYS A 19 -13.03 3.19 16.46
N VAL A 20 -12.76 1.98 15.95
CA VAL A 20 -12.83 1.68 14.52
C VAL A 20 -14.02 0.76 14.28
N SER A 21 -14.75 1.02 13.19
CA SER A 21 -15.94 0.26 12.84
C SER A 21 -15.64 -0.69 11.69
N CYS A 22 -16.48 -1.71 11.56
CA CYS A 22 -16.29 -2.76 10.56
C CYS A 22 -17.69 -3.24 10.14
N LYS A 23 -18.20 -2.66 9.05
CA LYS A 23 -19.51 -3.02 8.52
C LYS A 23 -19.40 -4.31 7.73
N ALA A 24 -20.18 -5.32 8.12
CA ALA A 24 -20.20 -6.61 7.44
C ALA A 24 -21.49 -6.76 6.66
N SER A 25 -21.39 -7.38 5.48
CA SER A 25 -22.56 -7.58 4.63
C SER A 25 -22.30 -8.76 3.71
N GLY A 26 -23.38 -9.31 3.17
CA GLY A 26 -23.29 -10.39 2.21
C GLY A 26 -23.25 -11.78 2.80
N TYR A 27 -23.61 -11.95 4.07
CA TYR A 27 -23.60 -13.25 4.71
C TYR A 27 -24.34 -13.14 6.04
N THR A 28 -24.59 -14.28 6.67
CA THR A 28 -25.24 -14.31 7.97
C THR A 28 -24.25 -13.82 9.02
N PHE A 29 -24.46 -12.59 9.49
CA PHE A 29 -23.50 -11.94 10.38
C PHE A 29 -23.16 -12.80 11.58
N THR A 30 -24.16 -13.39 12.22
CA THR A 30 -24.00 -14.00 13.54
C THR A 30 -23.31 -15.36 13.53
N SER A 31 -23.01 -15.92 12.36
CA SER A 31 -22.50 -17.29 12.29
C SER A 31 -20.97 -17.36 12.26
N TYR A 32 -20.26 -16.24 12.25
CA TYR A 32 -18.81 -16.25 12.18
C TYR A 32 -18.23 -15.25 13.16
N ALA A 33 -16.95 -15.39 13.43
CA ALA A 33 -16.21 -14.51 14.32
C ALA A 33 -15.36 -13.54 13.51
N ILE A 34 -15.35 -12.28 13.92
CA ILE A 34 -14.60 -11.23 13.24
C ILE A 34 -13.37 -10.91 14.07
N HIS A 35 -12.21 -10.99 13.44
CA HIS A 35 -10.93 -10.71 14.08
C HIS A 35 -10.52 -9.27 13.82
N TRP A 36 -9.58 -8.80 14.65
CA TRP A 36 -8.96 -7.49 14.47
C TRP A 36 -7.45 -7.68 14.47
N VAL A 37 -6.80 -7.25 13.40
CA VAL A 37 -5.37 -7.38 13.23
C VAL A 37 -4.81 -6.04 12.79
N ARG A 38 -3.71 -5.61 13.40
CA ARG A 38 -3.05 -4.37 13.04
C ARG A 38 -1.70 -4.65 12.41
N GLN A 39 -1.17 -3.64 11.73
CA GLN A 39 0.12 -3.75 11.05
C GLN A 39 0.82 -2.40 11.18
N ALA A 40 1.75 -2.30 12.13
CA ALA A 40 2.52 -1.08 12.28
C ALA A 40 3.42 -0.90 11.05
N PRO A 41 3.82 0.34 10.76
CA PRO A 41 4.66 0.58 9.57
C PRO A 41 5.92 -0.27 9.60
N GLY A 42 6.18 -0.97 8.49
CA GLY A 42 7.33 -1.83 8.39
C GLY A 42 7.36 -2.87 9.49
N GLN A 43 6.24 -3.57 9.68
CA GLN A 43 6.12 -4.56 10.73
C GLN A 43 5.18 -5.66 10.26
N ARG A 44 5.17 -6.77 11.01
CA ARG A 44 4.36 -7.91 10.66
C ARG A 44 2.94 -7.77 11.21
N LEU A 45 2.02 -8.51 10.61
CA LEU A 45 0.65 -8.56 11.10
C LEU A 45 0.63 -9.02 12.55
N GLU A 46 -0.18 -8.33 13.37
CA GLU A 46 -0.27 -8.60 14.80
C GLU A 46 -1.73 -8.77 15.18
N TRP A 47 -2.07 -9.94 15.71
CA TRP A 47 -3.44 -10.24 16.10
C TRP A 47 -3.79 -9.59 17.42
N MET A 48 -4.98 -8.98 17.48
CA MET A 48 -5.44 -8.27 18.67
C MET A 48 -6.55 -9.02 19.42
N GLY A 49 -7.44 -9.68 18.70
CA GLY A 49 -8.57 -10.33 19.32
C GLY A 49 -9.61 -10.68 18.28
N TRP A 50 -10.68 -11.32 18.76
CA TRP A 50 -11.85 -11.55 17.92
C TRP A 50 -13.11 -11.54 18.78
N ILE A 51 -14.25 -11.52 18.10
CA ILE A 51 -15.56 -11.57 18.75
C ILE A 51 -16.46 -12.45 17.91
N LYS A 52 -17.13 -13.40 18.55
CA LYS A 52 -18.16 -14.17 17.87
C LYS A 52 -19.39 -13.27 17.67
N ALA A 53 -19.81 -13.12 16.42
CA ALA A 53 -20.88 -12.16 16.12
C ALA A 53 -22.19 -12.56 16.76
N GLY A 54 -22.42 -13.85 16.97
CA GLY A 54 -23.65 -14.29 17.60
C GLY A 54 -23.70 -13.99 19.09
N ASN A 55 -23.04 -14.81 19.90
CA ASN A 55 -23.10 -14.67 21.34
C ASN A 55 -22.26 -13.52 21.87
N GLY A 56 -21.47 -12.87 21.01
CA GLY A 56 -20.69 -11.71 21.43
C GLY A 56 -19.52 -12.02 22.33
N ASN A 57 -19.10 -13.28 22.45
CA ASN A 57 -17.95 -13.60 23.26
C ASN A 57 -16.67 -13.08 22.59
N THR A 58 -15.71 -12.68 23.41
CA THR A 58 -14.48 -12.09 22.94
C THR A 58 -13.28 -12.86 23.47
N ARG A 59 -12.19 -12.83 22.69
CA ARG A 59 -10.90 -13.34 23.12
C ARG A 59 -9.84 -12.34 22.69
N TYR A 60 -9.08 -11.84 23.65
CA TYR A 60 -8.10 -10.79 23.39
C TYR A 60 -6.69 -11.33 23.52
N SER A 61 -5.76 -10.65 22.86
CA SER A 61 -4.34 -10.92 23.02
C SER A 61 -3.84 -10.30 24.32
N GLN A 62 -3.19 -11.11 25.15
CA GLN A 62 -2.64 -10.61 26.41
C GLN A 62 -1.67 -9.46 26.18
N LYS A 63 -1.07 -9.36 24.99
CA LYS A 63 -0.01 -8.39 24.76
C LYS A 63 -0.49 -6.96 24.78
N PHE A 64 -1.81 -6.73 24.79
CA PHE A 64 -2.36 -5.38 24.85
C PHE A 64 -2.83 -5.00 26.25
N GLN A 65 -2.51 -5.81 27.27
CA GLN A 65 -2.80 -5.48 28.66
C GLN A 65 -4.24 -5.01 28.85
N ASP A 66 -5.16 -5.55 28.05
CA ASP A 66 -6.59 -5.30 28.21
C ASP A 66 -6.94 -3.81 28.14
N ARG A 67 -6.37 -3.13 27.14
CA ARG A 67 -6.85 -1.82 26.73
C ARG A 67 -7.54 -1.90 25.37
N VAL A 68 -7.82 -3.11 24.89
CA VAL A 68 -8.61 -3.33 23.69
C VAL A 68 -10.01 -3.74 24.12
N THR A 69 -11.01 -3.32 23.35
CA THR A 69 -12.41 -3.70 23.62
C THR A 69 -13.09 -3.92 22.28
N ILE A 70 -13.41 -5.18 21.99
CA ILE A 70 -14.11 -5.55 20.76
C ILE A 70 -15.58 -5.78 21.11
N THR A 71 -16.46 -5.05 20.42
CA THR A 71 -17.90 -5.18 20.61
C THR A 71 -18.55 -5.40 19.25
N ARG A 72 -19.87 -5.62 19.25
CA ARG A 72 -20.58 -5.96 18.05
C ARG A 72 -22.03 -5.53 18.17
N ASP A 73 -22.58 -4.97 17.10
CA ASP A 73 -23.97 -4.58 17.00
C ASP A 73 -24.63 -5.42 15.91
N THR A 74 -25.49 -6.37 16.33
CA THR A 74 -26.09 -7.29 15.37
C THR A 74 -27.04 -6.59 14.42
N SER A 75 -27.86 -5.66 14.94
CA SER A 75 -28.85 -5.00 14.09
C SER A 75 -28.19 -4.22 12.97
N THR A 76 -27.04 -3.60 13.25
CA THR A 76 -26.29 -2.87 12.23
C THR A 76 -25.25 -3.76 11.55
N THR A 77 -25.24 -5.06 11.85
CA THR A 77 -24.27 -6.00 11.29
C THR A 77 -22.88 -5.38 11.20
N THR A 78 -22.44 -4.82 12.33
CA THR A 78 -21.18 -4.08 12.40
C THR A 78 -20.44 -4.47 13.67
N ALA A 79 -19.13 -4.61 13.54
CA ALA A 79 -18.23 -4.88 14.67
C ALA A 79 -17.35 -3.66 14.92
N TYR A 80 -16.96 -3.48 16.18
CA TYR A 80 -16.14 -2.34 16.58
C TYR A 80 -14.95 -2.82 17.39
N MET A 81 -13.91 -1.98 17.41
CA MET A 81 -12.71 -2.23 18.19
C MET A 81 -12.22 -0.91 18.74
N GLU A 82 -12.14 -0.80 20.07
CA GLU A 82 -11.71 0.42 20.74
C GLU A 82 -10.39 0.17 21.44
N LEU A 83 -9.41 1.03 21.20
CA LEU A 83 -8.08 0.93 21.77
C LEU A 83 -7.79 2.22 22.54
N SER A 84 -7.60 2.10 23.85
CA SER A 84 -7.42 3.25 24.72
C SER A 84 -5.96 3.43 25.10
N SER A 85 -5.69 4.55 25.77
CA SER A 85 -4.34 4.89 26.22
C SER A 85 -3.34 4.77 25.08
N LEU A 86 -3.64 5.45 23.99
CA LEU A 86 -2.84 5.33 22.77
C LEU A 86 -1.43 5.86 22.98
N ARG A 87 -0.44 5.09 22.56
CA ARG A 87 0.95 5.49 22.59
C ARG A 87 1.49 5.54 21.16
N SER A 88 2.73 6.00 21.03
CA SER A 88 3.34 6.13 19.71
C SER A 88 3.40 4.79 18.98
N GLU A 89 3.51 3.69 19.72
CA GLU A 89 3.60 2.37 19.11
C GLU A 89 2.28 1.89 18.52
N ASP A 90 1.17 2.57 18.79
CA ASP A 90 -0.13 2.17 18.28
C ASP A 90 -0.43 2.73 16.90
N THR A 91 0.39 3.65 16.40
CA THR A 91 0.27 4.11 15.02
C THR A 91 0.42 2.91 14.09
N ALA A 92 -0.64 2.59 13.34
CA ALA A 92 -0.62 1.40 12.49
C ALA A 92 -1.88 1.41 11.62
N VAL A 93 -1.97 0.39 10.77
CA VAL A 93 -3.18 0.13 9.99
C VAL A 93 -3.93 -0.98 10.71
N TYR A 94 -5.19 -0.72 11.05
CA TYR A 94 -6.01 -1.67 11.79
C TYR A 94 -6.99 -2.34 10.84
N TYR A 95 -6.93 -3.66 10.76
CA TYR A 95 -7.78 -4.46 9.89
C TYR A 95 -8.79 -5.25 10.71
N CYS A 96 -10.02 -5.33 10.20
CA CYS A 96 -10.96 -6.37 10.60
C CYS A 96 -11.04 -7.40 9.49
N ALA A 97 -11.36 -8.64 9.86
CA ALA A 97 -11.32 -9.69 8.85
C ALA A 97 -11.91 -10.97 9.41
N LEU A 98 -12.48 -11.76 8.50
CA LEU A 98 -12.93 -13.12 8.80
C LEU A 98 -11.80 -14.07 8.38
N LEU A 99 -10.92 -14.37 9.34
CA LEU A 99 -9.74 -15.17 9.04
C LEU A 99 -10.10 -16.65 8.96
N THR A 100 -9.68 -17.29 7.85
CA THR A 100 -9.82 -18.72 7.67
C THR A 100 -11.17 -19.26 8.11
N VAL A 101 -12.20 -19.06 7.30
CA VAL A 101 -13.50 -19.70 7.51
C VAL A 101 -13.46 -20.99 6.70
N LEU A 102 -13.20 -22.10 7.38
CA LEU A 102 -12.93 -23.38 6.73
C LEU A 102 -14.04 -24.36 7.03
N THR A 103 -14.69 -24.85 5.98
CA THR A 103 -15.67 -25.92 6.05
C THR A 103 -15.39 -26.91 4.93
N PRO A 104 -15.82 -28.16 5.08
CA PRO A 104 -15.56 -29.14 4.01
C PRO A 104 -16.15 -28.74 2.68
N ASP A 105 -17.29 -28.05 2.66
CA ASP A 105 -17.94 -27.69 1.41
C ASP A 105 -17.32 -26.45 0.79
N ASP A 106 -16.95 -25.47 1.60
CA ASP A 106 -16.40 -24.23 1.09
C ASP A 106 -15.48 -23.60 2.13
N ALA A 107 -14.53 -22.80 1.65
CA ALA A 107 -13.58 -22.09 2.50
C ALA A 107 -13.32 -20.71 1.91
N PHE A 108 -13.22 -19.71 2.78
CA PHE A 108 -13.00 -18.35 2.33
C PHE A 108 -12.32 -17.54 3.43
N ASP A 109 -11.86 -16.34 3.05
CA ASP A 109 -11.08 -15.49 3.95
C ASP A 109 -11.16 -14.07 3.44
N ILE A 110 -11.75 -13.18 4.24
CA ILE A 110 -12.08 -11.83 3.80
C ILE A 110 -11.53 -10.82 4.81
N TRP A 111 -11.00 -9.71 4.29
CA TRP A 111 -10.44 -8.65 5.11
C TRP A 111 -11.07 -7.32 4.76
N GLY A 112 -11.08 -6.42 5.72
CA GLY A 112 -11.41 -5.03 5.45
C GLY A 112 -10.26 -4.32 4.75
N GLN A 113 -10.53 -3.11 4.28
CA GLN A 113 -9.50 -2.38 3.55
C GLN A 113 -8.43 -1.80 4.47
N GLY A 114 -8.62 -1.89 5.77
CA GLY A 114 -7.68 -1.30 6.72
C GLY A 114 -8.07 0.11 7.10
N THR A 115 -7.69 0.50 8.32
CA THR A 115 -7.95 1.85 8.84
C THR A 115 -6.68 2.35 9.49
N MET A 116 -6.09 3.39 8.89
CA MET A 116 -4.82 3.93 9.37
C MET A 116 -5.07 4.91 10.51
N VAL A 117 -4.47 4.64 11.67
CA VAL A 117 -4.58 5.47 12.85
C VAL A 117 -3.21 6.02 13.19
N THR A 118 -3.10 7.34 13.30
CA THR A 118 -1.85 8.01 13.62
C THR A 118 -1.97 8.65 15.00
N VAL A 119 -1.06 8.28 15.90
CA VAL A 119 -1.04 8.85 17.24
C VAL A 119 -0.08 10.04 17.22
N SER A 120 -0.63 11.24 17.27
CA SER A 120 0.18 12.45 17.14
C SER A 120 -0.55 13.61 17.82
N SER A 121 0.24 14.53 18.38
CA SER A 121 -0.30 15.77 18.91
C SER A 121 -0.63 16.77 17.81
N ALA A 122 -0.02 16.64 16.63
CA ALA A 122 -0.27 17.57 15.54
C ALA A 122 -1.72 17.50 15.10
N SER A 123 -2.20 18.60 14.52
CA SER A 123 -3.57 18.71 14.09
C SER A 123 -3.71 18.32 12.62
N THR A 124 -4.92 17.91 12.25
CA THR A 124 -5.19 17.47 10.88
C THR A 124 -5.15 18.66 9.92
N LYS A 125 -4.80 18.36 8.67
CA LYS A 125 -4.83 19.36 7.60
C LYS A 125 -5.15 18.65 6.29
N GLY A 126 -6.07 19.22 5.53
CA GLY A 126 -6.45 18.68 4.24
C GLY A 126 -5.48 19.10 3.16
N PRO A 127 -5.41 18.33 2.08
CA PRO A 127 -4.44 18.61 1.01
C PRO A 127 -4.93 19.65 0.02
N SER A 128 -3.97 20.26 -0.66
CA SER A 128 -4.23 21.06 -1.85
C SER A 128 -3.88 20.22 -3.07
N VAL A 129 -4.70 20.33 -4.11
CA VAL A 129 -4.57 19.51 -5.31
C VAL A 129 -4.29 20.42 -6.49
N PHE A 130 -3.22 20.14 -7.22
CA PHE A 130 -2.83 20.90 -8.40
C PHE A 130 -2.66 19.96 -9.58
N PRO A 131 -2.95 20.42 -10.80
CA PRO A 131 -2.83 19.54 -11.96
C PRO A 131 -1.40 19.49 -12.49
N LEU A 132 -0.99 18.30 -12.88
CA LEU A 132 0.26 18.08 -13.61
C LEU A 132 -0.14 17.87 -15.06
N ALA A 133 -0.25 18.97 -15.80
CA ALA A 133 -0.88 18.93 -17.10
C ALA A 133 0.04 18.32 -18.16
N PRO A 134 -0.52 17.63 -19.15
CA PRO A 134 0.31 17.12 -20.24
C PRO A 134 0.64 18.21 -21.24
N SER A 135 1.84 18.11 -21.79
CA SER A 135 2.31 19.08 -22.77
C SER A 135 3.45 18.46 -23.56
N SER A 136 3.98 19.22 -24.52
CA SER A 136 5.12 18.74 -25.30
C SER A 136 6.27 18.32 -24.38
N LYS A 137 6.45 19.02 -23.26
CA LYS A 137 7.53 18.70 -22.35
C LYS A 137 7.30 17.40 -21.59
N SER A 138 6.12 16.79 -21.72
CA SER A 138 5.83 15.50 -21.13
C SER A 138 5.25 14.55 -22.17
N THR A 139 5.89 14.48 -23.34
CA THR A 139 5.61 13.45 -24.32
C THR A 139 6.88 12.71 -24.68
N SER A 140 6.78 11.39 -24.78
CA SER A 140 7.86 10.56 -25.30
C SER A 140 7.27 9.37 -26.04
N GLY A 141 7.71 9.17 -27.27
CA GLY A 141 7.28 8.03 -28.06
C GLY A 141 5.78 7.93 -28.21
N GLY A 142 5.13 9.03 -28.56
CA GLY A 142 3.68 9.05 -28.69
C GLY A 142 2.92 8.89 -27.39
N THR A 143 3.62 8.80 -26.27
CA THR A 143 3.01 8.68 -24.95
C THR A 143 3.02 10.04 -24.26
N ALA A 144 1.99 10.31 -23.47
CA ALA A 144 1.89 11.54 -22.71
C ALA A 144 1.66 11.20 -21.25
N ALA A 145 2.34 11.93 -20.37
CA ALA A 145 2.22 11.76 -18.93
C ALA A 145 1.47 12.93 -18.33
N LEU A 146 0.57 12.62 -17.39
CA LEU A 146 -0.18 13.64 -16.67
C LEU A 146 -0.39 13.14 -15.25
N GLY A 147 -0.85 14.01 -14.37
CA GLY A 147 -1.06 13.60 -13.00
C GLY A 147 -1.63 14.71 -12.15
N CYS A 148 -1.62 14.45 -10.83
CA CYS A 148 -2.12 15.37 -9.84
C CYS A 148 -1.12 15.46 -8.69
N LEU A 149 -0.86 16.68 -8.23
CA LEU A 149 0.03 16.93 -7.11
C LEU A 149 -0.81 17.19 -5.87
N VAL A 150 -0.60 16.39 -4.83
CA VAL A 150 -1.35 16.47 -3.58
C VAL A 150 -0.39 16.96 -2.50
N LYS A 151 -0.59 18.20 -2.06
CA LYS A 151 0.41 18.92 -1.27
C LYS A 151 -0.12 19.26 0.11
N ASP A 152 0.76 19.15 1.11
CA ASP A 152 0.54 19.70 2.44
C ASP A 152 -0.70 19.13 3.12
N TYR A 153 -0.61 17.91 3.64
CA TYR A 153 -1.70 17.31 4.38
C TYR A 153 -1.13 16.50 5.54
N PHE A 154 -1.96 16.30 6.57
CA PHE A 154 -1.58 15.48 7.70
C PHE A 154 -2.84 14.95 8.37
N PRO A 155 -2.86 13.67 8.79
CA PRO A 155 -1.83 12.66 8.62
C PRO A 155 -1.99 11.91 7.31
N GLU A 156 -1.28 10.80 7.15
CA GLU A 156 -1.59 9.89 6.07
C GLU A 156 -2.86 9.11 6.40
N PRO A 157 -3.54 8.54 5.39
CA PRO A 157 -3.24 8.57 3.96
C PRO A 157 -4.16 9.46 3.16
N VAL A 158 -3.73 9.81 1.94
CA VAL A 158 -4.63 10.26 0.90
C VAL A 158 -4.69 9.16 -0.15
N THR A 159 -5.91 8.83 -0.59
CA THR A 159 -6.11 7.87 -1.65
C THR A 159 -6.40 8.62 -2.94
N VAL A 160 -5.81 8.14 -4.04
CA VAL A 160 -5.98 8.75 -5.35
C VAL A 160 -6.49 7.69 -6.30
N SER A 161 -7.61 7.99 -6.95
CA SER A 161 -8.10 7.21 -8.08
C SER A 161 -8.22 8.13 -9.29
N TRP A 162 -8.40 7.52 -10.45
CA TRP A 162 -8.58 8.26 -11.70
C TRP A 162 -9.86 7.81 -12.36
N ASN A 163 -10.70 8.78 -12.72
CA ASN A 163 -12.00 8.51 -13.33
C ASN A 163 -12.84 7.58 -12.45
N SER A 164 -12.86 7.88 -11.15
CA SER A 164 -13.66 7.13 -10.18
C SER A 164 -13.34 5.65 -10.19
N GLY A 165 -12.09 5.30 -10.51
CA GLY A 165 -11.63 3.93 -10.51
C GLY A 165 -11.60 3.27 -11.87
N ALA A 166 -12.12 3.93 -12.90
CA ALA A 166 -12.14 3.35 -14.23
C ALA A 166 -10.76 3.31 -14.88
N LEU A 167 -9.85 4.19 -14.44
CA LEU A 167 -8.49 4.26 -15.00
C LEU A 167 -7.50 3.80 -13.94
N THR A 168 -6.84 2.67 -14.19
CA THR A 168 -5.88 2.10 -13.25
C THR A 168 -4.58 1.74 -13.95
N SER A 169 -4.66 1.39 -15.24
CA SER A 169 -3.49 0.98 -15.98
C SER A 169 -2.51 2.14 -16.14
N GLY A 170 -1.23 1.86 -15.96
CA GLY A 170 -0.20 2.87 -16.09
C GLY A 170 -0.23 3.95 -15.04
N VAL A 171 -0.97 3.76 -13.96
CA VAL A 171 -1.05 4.76 -12.89
C VAL A 171 0.07 4.51 -11.90
N HIS A 172 0.65 5.60 -11.40
CA HIS A 172 1.67 5.54 -10.36
C HIS A 172 1.34 6.59 -9.31
N THR A 173 0.87 6.14 -8.15
CA THR A 173 0.67 7.01 -6.99
C THR A 173 1.87 6.82 -6.07
N PHE A 174 2.76 7.81 -6.05
CA PHE A 174 4.04 7.65 -5.38
C PHE A 174 3.87 7.64 -3.86
N PRO A 175 4.74 6.93 -3.14
CA PRO A 175 4.74 7.05 -1.68
C PRO A 175 4.92 8.50 -1.26
N ALA A 176 4.16 8.90 -0.24
CA ALA A 176 4.23 10.26 0.24
C ALA A 176 5.64 10.58 0.74
N VAL A 177 5.96 11.87 0.74
CA VAL A 177 7.22 12.37 1.28
C VAL A 177 6.87 13.29 2.45
N LEU A 178 7.77 13.32 3.44
CA LEU A 178 7.62 14.19 4.59
C LEU A 178 8.34 15.50 4.30
N GLN A 179 7.58 16.57 4.09
CA GLN A 179 8.18 17.86 3.86
C GLN A 179 8.78 18.41 5.15
N SER A 180 9.76 19.29 5.00
CA SER A 180 10.38 19.94 6.16
C SER A 180 9.36 20.57 7.08
N SER A 181 8.18 20.93 6.56
CA SER A 181 7.12 21.51 7.37
C SER A 181 6.42 20.50 8.27
N GLY A 182 6.72 19.23 8.13
CA GLY A 182 5.99 18.20 8.84
C GLY A 182 4.71 17.75 8.16
N LEU A 183 4.39 18.31 7.00
CA LEU A 183 3.22 17.92 6.22
C LEU A 183 3.65 17.02 5.08
N TYR A 184 2.75 16.11 4.69
CA TYR A 184 3.05 15.14 3.65
C TYR A 184 2.69 15.69 2.27
N SER A 185 3.24 15.05 1.25
CA SER A 185 2.98 15.43 -0.13
C SER A 185 3.26 14.22 -1.02
N LEU A 186 2.46 14.08 -2.07
CA LEU A 186 2.71 13.03 -3.07
C LEU A 186 2.19 13.49 -4.42
N SER A 187 2.45 12.68 -5.43
CA SER A 187 1.93 12.88 -6.77
C SER A 187 1.40 11.56 -7.30
N SER A 188 0.38 11.66 -8.15
CA SER A 188 -0.19 10.52 -8.84
C SER A 188 -0.16 10.82 -10.34
N VAL A 189 0.50 9.96 -11.10
CA VAL A 189 0.71 10.18 -12.53
C VAL A 189 0.16 9.00 -13.30
N VAL A 190 -0.12 9.24 -14.58
CA VAL A 190 -0.58 8.20 -15.50
C VAL A 190 -0.05 8.54 -16.89
N THR A 191 0.23 7.49 -17.65
CA THR A 191 0.68 7.62 -19.04
C THR A 191 -0.42 7.16 -19.97
N VAL A 192 -0.73 7.97 -20.98
CA VAL A 192 -1.84 7.71 -21.89
C VAL A 192 -1.38 8.01 -23.32
N PRO A 193 -2.15 7.61 -24.33
CA PRO A 193 -1.79 7.98 -25.71
C PRO A 193 -1.84 9.50 -25.90
N SER A 194 -0.87 10.01 -26.66
CA SER A 194 -0.89 11.43 -27.01
C SER A 194 -2.00 11.74 -27.99
N SER A 195 -2.38 10.78 -28.84
CA SER A 195 -3.31 11.05 -29.92
C SER A 195 -4.75 11.23 -29.45
N SER A 196 -5.07 10.80 -28.22
CA SER A 196 -6.44 10.82 -27.73
C SER A 196 -6.65 11.84 -26.62
N LEU A 197 -5.68 12.72 -26.37
CA LEU A 197 -5.84 13.71 -25.31
C LEU A 197 -7.03 14.63 -25.57
N GLY A 198 -7.42 14.79 -26.84
CA GLY A 198 -8.54 15.66 -27.17
C GLY A 198 -9.90 15.01 -27.02
N THR A 199 -9.95 13.67 -26.92
CA THR A 199 -11.21 12.95 -26.82
C THR A 199 -11.44 12.28 -25.47
N GLN A 200 -10.39 12.04 -24.71
CA GLN A 200 -10.51 11.38 -23.42
C GLN A 200 -10.48 12.39 -22.29
N THR A 201 -11.08 12.01 -21.16
CA THR A 201 -11.15 12.85 -19.97
C THR A 201 -10.44 12.14 -18.84
N TYR A 202 -9.57 12.87 -18.14
CA TYR A 202 -8.78 12.32 -17.04
C TYR A 202 -9.00 13.15 -15.80
N ILE A 203 -9.60 12.54 -14.77
CA ILE A 203 -9.95 13.21 -13.54
C ILE A 203 -9.37 12.41 -12.39
N CYS A 204 -8.53 13.04 -11.58
CA CYS A 204 -8.00 12.41 -10.38
C CYS A 204 -8.95 12.70 -9.22
N ASN A 205 -9.22 11.66 -8.43
CA ASN A 205 -10.13 11.74 -7.29
C ASN A 205 -9.30 11.58 -6.02
N VAL A 206 -9.21 12.65 -5.25
CA VAL A 206 -8.37 12.69 -4.05
C VAL A 206 -9.27 12.68 -2.82
N ASN A 207 -9.01 11.77 -1.90
CA ASN A 207 -9.78 11.63 -0.68
C ASN A 207 -8.84 11.64 0.52
N HIS A 208 -9.17 12.45 1.52
CA HIS A 208 -8.43 12.53 2.78
C HIS A 208 -9.45 12.51 3.90
N LYS A 209 -9.71 11.33 4.44
CA LYS A 209 -10.79 11.13 5.38
C LYS A 209 -10.54 11.82 6.73
N PRO A 210 -9.30 11.89 7.22
CA PRO A 210 -9.07 12.57 8.51
C PRO A 210 -9.59 13.99 8.55
N SER A 211 -9.55 14.72 7.42
CA SER A 211 -10.05 16.09 7.37
C SER A 211 -11.35 16.21 6.57
N ASN A 212 -11.96 15.08 6.20
CA ASN A 212 -13.18 15.07 5.41
C ASN A 212 -13.04 16.00 4.19
N THR A 213 -12.13 15.60 3.30
CA THR A 213 -11.78 16.38 2.13
C THR A 213 -11.85 15.48 0.90
N LYS A 214 -12.75 15.82 -0.03
CA LYS A 214 -12.87 15.14 -1.31
C LYS A 214 -12.66 16.16 -2.42
N VAL A 215 -11.72 15.89 -3.32
CA VAL A 215 -11.37 16.81 -4.40
C VAL A 215 -11.30 16.02 -5.71
N ASP A 216 -12.02 16.49 -6.71
CA ASP A 216 -11.91 16.01 -8.08
C ASP A 216 -11.30 17.11 -8.93
N LYS A 217 -10.26 16.76 -9.68
CA LYS A 217 -9.51 17.73 -10.48
C LYS A 217 -9.37 17.18 -11.89
N LYS A 218 -9.99 17.85 -12.85
CA LYS A 218 -9.83 17.49 -14.26
C LYS A 218 -8.49 18.01 -14.76
N VAL A 219 -7.68 17.10 -15.30
CA VAL A 219 -6.35 17.44 -15.80
C VAL A 219 -6.47 17.60 -17.31
N GLU A 220 -6.29 18.83 -17.78
CA GLU A 220 -6.45 19.15 -19.19
C GLU A 220 -5.11 19.56 -19.81
N PRO A 221 -4.91 19.31 -21.11
CA PRO A 221 -3.67 19.73 -21.75
C PRO A 221 -3.49 21.24 -21.69
N LYS A 222 -2.23 21.67 -21.77
CA LYS A 222 -1.85 23.07 -21.81
C LYS A 222 -2.75 23.95 -20.95
N ASP B 1 3.86 -18.15 23.58
CA ASP B 1 3.18 -18.05 22.24
C ASP B 1 3.94 -18.85 21.19
N ILE B 2 3.33 -19.03 20.03
CA ILE B 2 3.91 -19.75 18.91
C ILE B 2 4.59 -18.73 18.00
N VAL B 3 5.91 -18.68 18.05
CA VAL B 3 6.69 -17.79 17.20
C VAL B 3 6.81 -18.38 15.81
N MET B 4 6.59 -17.56 14.79
CA MET B 4 6.73 -17.95 13.40
C MET B 4 7.93 -17.23 12.80
N THR B 5 8.81 -17.97 12.13
CA THR B 5 10.03 -17.42 11.56
C THR B 5 10.14 -17.86 10.11
N GLN B 6 10.37 -16.90 9.21
CA GLN B 6 10.49 -17.16 7.79
C GLN B 6 11.92 -16.94 7.32
N SER B 7 12.28 -17.67 6.27
CA SER B 7 13.58 -17.55 5.62
C SER B 7 13.39 -17.75 4.12
N PRO B 8 14.00 -16.90 3.28
CA PRO B 8 14.78 -15.70 3.60
C PRO B 8 13.88 -14.52 3.93
N ASP B 9 14.47 -13.40 4.38
CA ASP B 9 13.67 -12.19 4.58
C ASP B 9 13.26 -11.58 3.24
N SER B 10 14.10 -11.72 2.22
CA SER B 10 13.79 -11.25 0.89
C SER B 10 14.47 -12.16 -0.12
N LEU B 11 13.89 -12.25 -1.31
CA LEU B 11 14.49 -13.02 -2.39
C LEU B 11 14.13 -12.39 -3.72
N ALA B 12 15.03 -12.53 -4.69
CA ALA B 12 14.83 -12.01 -6.04
C ALA B 12 15.15 -13.12 -7.04
N VAL B 13 14.19 -13.42 -7.91
CA VAL B 13 14.38 -14.39 -8.97
C VAL B 13 13.85 -13.80 -10.27
N SER B 14 14.26 -14.40 -11.38
CA SER B 14 13.82 -13.94 -12.69
C SER B 14 12.42 -14.46 -13.00
N LEU B 15 11.79 -13.84 -13.99
CA LEU B 15 10.44 -14.24 -14.38
C LEU B 15 10.46 -15.66 -14.94
N GLY B 16 9.52 -16.48 -14.48
CA GLY B 16 9.44 -17.86 -14.92
C GLY B 16 10.24 -18.84 -14.09
N GLU B 17 11.13 -18.34 -13.21
CA GLU B 17 11.87 -19.21 -12.31
C GLU B 17 11.00 -19.60 -11.12
N ARG B 18 11.52 -20.54 -10.33
CA ARG B 18 10.84 -21.01 -9.14
C ARG B 18 11.30 -20.22 -7.93
N ALA B 19 10.36 -19.95 -7.03
CA ALA B 19 10.64 -19.27 -5.77
C ALA B 19 10.03 -20.06 -4.62
N THR B 20 10.78 -20.17 -3.52
CA THR B 20 10.34 -20.92 -2.36
C THR B 20 10.61 -20.11 -1.11
N ILE B 21 9.69 -20.20 -0.15
CA ILE B 21 9.78 -19.50 1.12
C ILE B 21 9.61 -20.52 2.23
N ASN B 22 10.50 -20.50 3.22
CA ASN B 22 10.44 -21.42 4.34
C ASN B 22 9.80 -20.74 5.55
N CYS B 23 9.09 -21.54 6.33
CA CYS B 23 8.44 -21.07 7.55
C CYS B 23 8.57 -22.15 8.62
N LYS B 24 9.06 -21.75 9.79
CA LYS B 24 9.17 -22.66 10.92
C LYS B 24 8.39 -22.09 12.10
N SER B 25 7.76 -22.99 12.87
CA SER B 25 7.02 -22.62 14.06
C SER B 25 7.77 -23.11 15.29
N SER B 26 7.74 -22.30 16.35
CA SER B 26 8.49 -22.66 17.56
C SER B 26 7.97 -23.93 18.21
N GLN B 27 6.73 -24.33 17.90
CA GLN B 27 6.22 -25.63 18.35
C GLN B 27 5.29 -26.17 17.27
N SER B 28 4.91 -27.44 17.43
CA SER B 28 4.15 -28.12 16.39
C SER B 28 2.78 -27.50 16.19
N VAL B 29 2.37 -27.43 14.93
CA VAL B 29 1.06 -26.91 14.53
C VAL B 29 0.14 -28.02 14.04
N LEU B 30 0.59 -29.28 14.08
CA LEU B 30 -0.24 -30.39 13.67
C LEU B 30 -1.14 -30.84 14.82
N TYR B 31 -2.44 -30.89 14.57
CA TYR B 31 -3.40 -31.31 15.58
C TYR B 31 -3.66 -32.80 15.44
N SER B 32 -3.47 -33.53 16.55
CA SER B 32 -3.49 -34.99 16.50
C SER B 32 -4.90 -35.57 16.30
N SER B 33 -5.95 -34.80 16.60
CA SER B 33 -7.30 -35.35 16.52
C SER B 33 -7.79 -35.43 15.08
N ASN B 34 -7.45 -34.44 14.25
CA ASN B 34 -7.84 -34.44 12.85
C ASN B 34 -6.65 -34.52 11.91
N ASN B 35 -5.42 -34.54 12.43
CA ASN B 35 -4.22 -34.69 11.61
C ASN B 35 -4.16 -33.61 10.52
N LYS B 36 -4.41 -32.37 10.92
CA LYS B 36 -4.36 -31.22 10.03
C LYS B 36 -3.40 -30.18 10.59
N ASN B 37 -2.67 -29.52 9.69
CA ASN B 37 -1.72 -28.48 10.07
C ASN B 37 -2.44 -27.13 10.03
N TYR B 38 -2.59 -26.50 11.20
CA TYR B 38 -3.23 -25.19 11.30
C TYR B 38 -2.27 -24.09 10.86
N LEU B 39 -1.93 -24.11 9.58
CA LEU B 39 -1.01 -23.15 9.00
C LEU B 39 -1.57 -22.61 7.69
N ALA B 40 -1.35 -21.33 7.44
CA ALA B 40 -1.81 -20.67 6.23
C ALA B 40 -0.72 -19.77 5.69
N TRP B 41 -0.81 -19.49 4.39
CA TRP B 41 0.08 -18.54 3.73
C TRP B 41 -0.75 -17.39 3.18
N TYR B 42 -0.22 -16.17 3.34
CA TYR B 42 -0.90 -14.96 2.88
C TYR B 42 0.01 -14.17 1.96
N GLN B 43 -0.61 -13.47 1.02
CA GLN B 43 0.07 -12.55 0.10
C GLN B 43 -0.44 -11.15 0.37
N GLN B 44 0.47 -10.17 0.45
CA GLN B 44 0.09 -8.79 0.70
C GLN B 44 0.87 -7.88 -0.22
N LYS B 45 0.16 -7.17 -1.10
CA LYS B 45 0.75 -6.13 -1.91
C LYS B 45 0.62 -4.78 -1.22
N PRO B 46 1.44 -3.79 -1.58
CA PRO B 46 1.45 -2.54 -0.82
C PRO B 46 0.10 -1.84 -0.82
N GLY B 47 -0.33 -1.39 0.34
CA GLY B 47 -1.58 -0.68 0.50
C GLY B 47 -2.82 -1.53 0.49
N GLN B 48 -2.68 -2.86 0.44
CA GLN B 48 -3.80 -3.78 0.40
C GLN B 48 -3.80 -4.68 1.63
N PRO B 49 -4.94 -5.25 1.98
CA PRO B 49 -4.97 -6.27 3.04
C PRO B 49 -4.38 -7.56 2.55
N PRO B 50 -3.98 -8.46 3.45
CA PRO B 50 -3.46 -9.76 3.02
C PRO B 50 -4.49 -10.54 2.22
N ASN B 51 -3.99 -11.51 1.45
CA ASN B 51 -4.82 -12.35 0.60
C ASN B 51 -4.44 -13.80 0.86
N LEU B 52 -5.41 -14.60 1.28
CA LEU B 52 -5.15 -16.00 1.62
C LEU B 52 -4.75 -16.78 0.37
N LEU B 53 -3.66 -17.53 0.48
CA LEU B 53 -3.19 -18.41 -0.59
C LEU B 53 -3.41 -19.87 -0.24
N ILE B 54 -2.84 -20.33 0.86
CA ILE B 54 -2.87 -21.74 1.26
C ILE B 54 -3.42 -21.82 2.68
N TYR B 55 -4.25 -22.82 2.94
CA TYR B 55 -4.69 -23.17 4.28
C TYR B 55 -4.52 -24.66 4.47
N TRP B 56 -4.59 -25.09 5.74
CA TRP B 56 -4.22 -26.46 6.12
C TRP B 56 -2.83 -26.82 5.58
N ALA B 57 -1.96 -25.82 5.47
CA ALA B 57 -0.56 -26.00 5.10
C ALA B 57 -0.35 -26.30 3.62
N SER B 58 -1.32 -26.95 2.96
CA SER B 58 -1.11 -27.38 1.58
C SER B 58 -2.33 -27.20 0.70
N THR B 59 -3.48 -26.79 1.22
CA THR B 59 -4.69 -26.63 0.42
C THR B 59 -4.78 -25.20 -0.09
N ARG B 60 -5.01 -25.05 -1.38
CA ARG B 60 -5.06 -23.76 -2.05
C ARG B 60 -6.50 -23.34 -2.23
N GLN B 61 -6.81 -22.09 -1.86
CA GLN B 61 -8.18 -21.62 -1.95
C GLN B 61 -8.58 -21.43 -3.41
N SER B 62 -9.89 -21.47 -3.64
CA SER B 62 -10.42 -21.72 -4.99
C SER B 62 -9.86 -20.75 -6.03
N GLY B 63 -9.77 -19.47 -5.69
CA GLY B 63 -9.40 -18.46 -6.66
C GLY B 63 -7.91 -18.23 -6.86
N VAL B 64 -7.06 -19.07 -6.28
CA VAL B 64 -5.61 -18.87 -6.35
C VAL B 64 -5.04 -19.62 -7.54
N PRO B 65 -4.09 -19.04 -8.28
CA PRO B 65 -3.52 -19.77 -9.43
C PRO B 65 -2.85 -21.07 -9.00
N ASP B 66 -2.74 -21.99 -9.95
CA ASP B 66 -2.22 -23.32 -9.65
C ASP B 66 -0.73 -23.28 -9.30
N ARG B 67 0.00 -22.28 -9.80
CA ARG B 67 1.44 -22.23 -9.56
C ARG B 67 1.79 -22.06 -8.09
N PHE B 68 0.81 -21.79 -7.24
CA PHE B 68 1.03 -21.71 -5.80
C PHE B 68 0.74 -23.06 -5.16
N SER B 69 1.68 -23.56 -4.37
CA SER B 69 1.49 -24.80 -3.63
C SER B 69 2.23 -24.70 -2.31
N GLY B 70 1.80 -25.51 -1.35
CA GLY B 70 2.41 -25.53 -0.04
C GLY B 70 2.64 -26.95 0.43
N SER B 71 3.70 -27.12 1.22
CA SER B 71 4.05 -28.41 1.78
C SER B 71 4.56 -28.20 3.21
N GLY B 72 4.67 -29.29 3.95
CA GLY B 72 5.19 -29.25 5.30
C GLY B 72 4.38 -30.04 6.29
N SER B 73 4.94 -30.18 7.50
CA SER B 73 4.26 -30.90 8.58
C SER B 73 4.88 -30.46 9.89
N GLY B 74 4.04 -30.30 10.91
CA GLY B 74 4.51 -29.98 12.24
C GLY B 74 5.11 -28.60 12.39
N THR B 75 6.44 -28.51 12.26
CA THR B 75 7.18 -27.30 12.58
C THR B 75 7.94 -26.71 11.41
N ASP B 76 7.75 -27.25 10.20
CA ASP B 76 8.55 -26.82 9.06
C ASP B 76 7.68 -26.88 7.80
N PHE B 77 7.61 -25.76 7.09
CA PHE B 77 6.73 -25.65 5.93
C PHE B 77 7.41 -24.83 4.85
N THR B 78 6.94 -25.02 3.61
CA THR B 78 7.51 -24.35 2.45
C THR B 78 6.40 -23.90 1.51
N LEU B 79 6.42 -22.63 1.14
CA LEU B 79 5.57 -22.10 0.07
C LEU B 79 6.35 -22.14 -1.24
N THR B 80 5.71 -22.66 -2.28
CA THR B 80 6.35 -22.80 -3.59
C THR B 80 5.54 -22.06 -4.65
N ILE B 81 6.21 -21.20 -5.40
CA ILE B 81 5.65 -20.57 -6.60
C ILE B 81 6.43 -21.14 -7.77
N SER B 82 5.80 -22.06 -8.52
CA SER B 82 6.53 -22.86 -9.49
C SER B 82 7.01 -22.03 -10.68
N SER B 83 6.32 -20.95 -11.02
CA SER B 83 6.70 -20.11 -12.16
C SER B 83 6.31 -18.67 -11.81
N LEU B 84 7.27 -17.93 -11.26
CA LEU B 84 6.98 -16.60 -10.75
C LEU B 84 6.54 -15.68 -11.88
N GLN B 85 5.40 -15.03 -11.69
CA GLN B 85 4.86 -14.06 -12.64
C GLN B 85 5.03 -12.65 -12.08
N ALA B 86 4.96 -11.67 -12.99
CA ALA B 86 5.16 -10.28 -12.58
C ALA B 86 4.23 -9.89 -11.45
N GLU B 87 2.98 -10.32 -11.49
CA GLU B 87 2.00 -9.94 -10.48
C GLU B 87 2.20 -10.65 -9.15
N ASP B 88 3.24 -11.45 -8.99
CA ASP B 88 3.51 -12.13 -7.73
C ASP B 88 4.40 -11.31 -6.80
N VAL B 89 4.83 -10.12 -7.22
CA VAL B 89 5.54 -9.21 -6.33
C VAL B 89 4.68 -8.97 -5.10
N ALA B 90 5.22 -9.26 -3.92
CA ALA B 90 4.47 -9.08 -2.68
C ALA B 90 5.35 -9.52 -1.52
N VAL B 91 4.88 -9.22 -0.32
CA VAL B 91 5.43 -9.79 0.91
C VAL B 91 4.53 -10.96 1.30
N TYR B 92 5.13 -12.13 1.47
CA TYR B 92 4.39 -13.34 1.80
C TYR B 92 4.57 -13.66 3.28
N TYR B 93 3.45 -13.95 3.95
CA TYR B 93 3.43 -14.23 5.38
C TYR B 93 2.90 -15.64 5.61
N CYS B 94 3.54 -16.37 6.52
CA CYS B 94 2.92 -17.58 7.05
C CYS B 94 2.22 -17.25 8.36
N HIS B 95 1.20 -18.04 8.69
CA HIS B 95 0.31 -17.74 9.80
C HIS B 95 -0.15 -19.03 10.43
N GLN B 96 -0.06 -19.11 11.76
CA GLN B 96 -0.56 -20.26 12.50
C GLN B 96 -1.85 -19.85 13.21
N TYR B 97 -2.88 -20.68 13.09
CA TYR B 97 -4.12 -20.51 13.81
C TYR B 97 -4.39 -21.71 14.70
N TYR B 98 -3.35 -22.18 15.38
CA TYR B 98 -3.43 -23.34 16.26
C TYR B 98 -3.69 -22.92 17.71
N SER B 99 -2.81 -22.09 18.27
CA SER B 99 -2.93 -21.64 19.65
C SER B 99 -3.10 -20.13 19.69
N SER B 100 -3.83 -19.67 20.70
CA SER B 100 -3.97 -18.24 20.91
C SER B 100 -2.74 -17.70 21.64
N PRO B 101 -2.23 -16.53 21.25
CA PRO B 101 -2.72 -15.66 20.18
C PRO B 101 -2.28 -16.11 18.80
N LEU B 102 -3.14 -15.93 17.79
CA LEU B 102 -2.73 -16.15 16.42
C LEU B 102 -1.51 -15.29 16.09
N THR B 103 -0.55 -15.87 15.37
CA THR B 103 0.70 -15.19 15.09
C THR B 103 1.06 -15.36 13.61
N PHE B 104 1.84 -14.40 13.11
CA PHE B 104 2.29 -14.39 11.73
C PHE B 104 3.82 -14.37 11.70
N GLY B 105 4.36 -14.77 10.55
CA GLY B 105 5.79 -14.70 10.33
C GLY B 105 6.23 -13.27 10.03
N GLY B 106 7.54 -13.08 9.98
CA GLY B 106 8.11 -11.77 9.73
C GLY B 106 7.89 -11.25 8.32
N GLY B 107 7.44 -12.10 7.41
CA GLY B 107 7.23 -11.68 6.03
C GLY B 107 8.46 -11.93 5.17
N THR B 108 8.20 -12.25 3.90
CA THR B 108 9.26 -12.51 2.93
C THR B 108 8.97 -11.67 1.68
N LYS B 109 9.84 -10.69 1.43
CA LYS B 109 9.70 -9.82 0.27
C LYS B 109 10.17 -10.53 -0.98
N VAL B 110 9.29 -10.67 -1.97
CA VAL B 110 9.61 -11.34 -3.23
C VAL B 110 9.69 -10.28 -4.32
N GLU B 111 10.79 -10.28 -5.06
CA GLU B 111 11.04 -9.31 -6.13
C GLU B 111 11.38 -10.04 -7.41
N ILE B 112 11.16 -9.38 -8.54
CA ILE B 112 11.45 -9.94 -9.85
C ILE B 112 12.76 -9.35 -10.35
N LYS B 113 13.62 -10.21 -10.89
CA LYS B 113 14.81 -9.77 -11.61
C LYS B 113 14.44 -9.57 -13.07
N ARG B 114 14.89 -8.44 -13.63
CA ARG B 114 14.37 -7.93 -14.89
C ARG B 114 15.54 -7.53 -15.78
N THR B 115 15.26 -7.39 -17.09
CA THR B 115 16.25 -6.81 -17.98
C THR B 115 16.33 -5.30 -17.76
N VAL B 116 17.44 -4.71 -18.21
CA VAL B 116 17.65 -3.28 -18.05
C VAL B 116 16.62 -2.52 -18.88
N ALA B 117 16.03 -1.49 -18.27
CA ALA B 117 15.05 -0.65 -18.96
C ALA B 117 15.35 0.80 -18.61
N ALA B 118 15.64 1.61 -19.62
CA ALA B 118 15.91 3.01 -19.39
C ALA B 118 14.62 3.75 -19.04
N PRO B 119 14.71 4.80 -18.23
CA PRO B 119 13.50 5.55 -17.86
C PRO B 119 13.04 6.46 -19.00
N SER B 120 11.74 6.72 -19.02
CA SER B 120 11.17 7.78 -19.83
C SER B 120 10.99 8.99 -18.92
N VAL B 121 11.59 10.12 -19.31
CA VAL B 121 11.70 11.29 -18.44
C VAL B 121 10.68 12.33 -18.87
N PHE B 122 9.91 12.84 -17.92
CA PHE B 122 8.96 13.92 -18.14
C PHE B 122 9.23 15.01 -17.11
N ILE B 123 8.85 16.24 -17.45
CA ILE B 123 9.00 17.38 -16.55
C ILE B 123 7.72 18.20 -16.60
N PHE B 124 7.22 18.58 -15.43
CA PHE B 124 5.99 19.36 -15.31
C PHE B 124 6.31 20.70 -14.68
N PRO B 125 6.07 21.83 -15.36
CA PRO B 125 6.25 23.12 -14.70
C PRO B 125 5.15 23.36 -13.68
N PRO B 126 5.29 24.38 -12.83
CA PRO B 126 4.24 24.64 -11.83
C PRO B 126 2.93 25.02 -12.50
N SER B 127 1.83 24.55 -11.91
CA SER B 127 0.52 24.97 -12.37
C SER B 127 0.27 26.42 -12.01
N ASP B 128 -0.38 27.16 -12.91
CA ASP B 128 -0.72 28.54 -12.62
C ASP B 128 -1.56 28.65 -11.37
N GLU B 129 -2.38 27.62 -11.08
CA GLU B 129 -3.18 27.64 -9.86
C GLU B 129 -2.28 27.68 -8.63
N GLN B 130 -1.24 26.85 -8.59
CA GLN B 130 -0.35 26.83 -7.44
C GLN B 130 0.42 28.14 -7.33
N LEU B 131 0.85 28.71 -8.46
CA LEU B 131 1.60 29.95 -8.43
C LEU B 131 0.78 31.08 -7.80
N LYS B 132 -0.55 31.02 -7.91
CA LYS B 132 -1.38 32.03 -7.26
C LYS B 132 -1.23 31.97 -5.75
N SER B 133 -0.91 30.81 -5.19
CA SER B 133 -0.73 30.65 -3.76
C SER B 133 0.67 31.03 -3.30
N GLY B 134 1.58 31.37 -4.21
CA GLY B 134 2.90 31.82 -3.85
C GLY B 134 3.97 30.75 -3.79
N THR B 135 3.72 29.57 -4.36
CA THR B 135 4.69 28.48 -4.34
C THR B 135 4.78 27.87 -5.73
N ALA B 136 5.97 27.37 -6.06
CA ALA B 136 6.23 26.76 -7.36
C ALA B 136 6.82 25.37 -7.16
N SER B 137 6.06 24.34 -7.53
CA SER B 137 6.52 22.97 -7.49
C SER B 137 6.78 22.50 -8.92
N VAL B 138 8.01 22.08 -9.18
CA VAL B 138 8.40 21.54 -10.49
C VAL B 138 8.67 20.05 -10.31
N VAL B 139 7.96 19.23 -11.06
CA VAL B 139 7.99 17.78 -10.90
C VAL B 139 8.74 17.17 -12.07
N CYS B 140 9.67 16.27 -11.77
CA CYS B 140 10.37 15.48 -12.77
C CYS B 140 10.06 14.02 -12.57
N LEU B 141 9.59 13.36 -13.62
CA LEU B 141 9.08 12.00 -13.55
C LEU B 141 10.02 11.05 -14.31
N LEU B 142 10.49 10.02 -13.62
CA LEU B 142 11.21 8.91 -14.24
C LEU B 142 10.29 7.69 -14.21
N ASN B 143 9.90 7.22 -15.38
CA ASN B 143 8.81 6.25 -15.50
C ASN B 143 9.33 4.91 -15.97
N ASN B 144 8.99 3.85 -15.23
CA ASN B 144 9.21 2.47 -15.65
C ASN B 144 10.64 2.20 -16.08
N PHE B 145 11.55 2.09 -15.11
CA PHE B 145 12.94 1.79 -15.37
C PHE B 145 13.37 0.63 -14.47
N TYR B 146 14.54 0.07 -14.78
CA TYR B 146 15.09 -1.03 -14.01
C TYR B 146 16.57 -1.11 -14.35
N PRO B 147 17.47 -1.32 -13.37
CA PRO B 147 17.22 -1.50 -11.93
C PRO B 147 16.72 -0.25 -11.23
N ARG B 148 16.47 -0.40 -9.91
CA ARG B 148 15.84 0.66 -9.15
C ARG B 148 16.73 1.89 -9.01
N GLU B 149 18.05 1.70 -8.99
CA GLU B 149 18.95 2.81 -8.74
C GLU B 149 18.91 3.83 -9.87
N ALA B 150 18.82 5.10 -9.51
CA ALA B 150 18.80 6.18 -10.48
C ALA B 150 19.27 7.46 -9.80
N LYS B 151 19.82 8.38 -10.59
CA LYS B 151 20.33 9.64 -10.08
C LYS B 151 19.72 10.79 -10.85
N VAL B 152 19.23 11.80 -10.13
CA VAL B 152 18.53 12.93 -10.71
C VAL B 152 19.09 14.21 -10.11
N GLN B 153 19.48 15.15 -10.96
CA GLN B 153 19.99 16.44 -10.52
C GLN B 153 19.20 17.56 -11.20
N TRP B 154 18.95 18.62 -10.44
CA TRP B 154 18.24 19.79 -10.93
C TRP B 154 19.22 20.89 -11.29
N LYS B 155 18.92 21.62 -12.36
CA LYS B 155 19.73 22.74 -12.79
C LYS B 155 18.81 23.90 -13.15
N VAL B 156 19.04 25.05 -12.52
CA VAL B 156 18.28 26.26 -12.77
C VAL B 156 19.22 27.27 -13.41
N ASP B 157 18.93 27.65 -14.65
CA ASP B 157 19.85 28.48 -15.44
C ASP B 157 21.22 27.84 -15.51
N ASN B 158 21.26 26.51 -15.54
CA ASN B 158 22.48 25.71 -15.67
C ASN B 158 23.30 25.67 -14.39
N ALA B 159 22.74 26.07 -13.26
CA ALA B 159 23.41 26.01 -11.96
C ALA B 159 22.88 24.81 -11.20
N LEU B 160 23.78 23.92 -10.77
CA LEU B 160 23.36 22.72 -10.05
C LEU B 160 22.70 23.10 -8.74
N GLN B 161 21.54 22.51 -8.46
CA GLN B 161 20.76 22.85 -7.28
C GLN B 161 21.08 21.92 -6.12
N SER B 162 20.89 22.43 -4.90
CA SER B 162 21.13 21.66 -3.70
C SER B 162 20.20 22.17 -2.59
N GLY B 163 19.38 21.27 -2.05
CA GLY B 163 18.63 21.55 -0.85
C GLY B 163 17.20 22.01 -1.03
N ASN B 164 16.58 21.72 -2.17
CA ASN B 164 15.21 22.20 -2.41
C ASN B 164 14.40 21.19 -3.21
N SER B 165 14.75 19.90 -3.15
CA SER B 165 14.01 18.88 -3.87
C SER B 165 13.87 17.65 -3.00
N GLN B 166 12.84 16.85 -3.31
CA GLN B 166 12.59 15.59 -2.60
C GLN B 166 12.24 14.51 -3.60
N GLU B 167 12.67 13.28 -3.30
CA GLU B 167 12.50 12.15 -4.20
C GLU B 167 11.59 11.10 -3.57
N SER B 168 10.91 10.34 -4.44
CA SER B 168 10.08 9.22 -4.01
C SER B 168 10.07 8.17 -5.10
N VAL B 169 10.33 6.92 -4.72
CA VAL B 169 10.35 5.79 -5.66
C VAL B 169 9.20 4.87 -5.31
N THR B 170 8.56 4.32 -6.35
CA THR B 170 7.45 3.39 -6.17
C THR B 170 7.97 2.01 -5.77
N GLU B 171 7.04 1.17 -5.33
CA GLU B 171 7.28 -0.26 -5.27
C GLU B 171 7.48 -0.80 -6.69
N GLN B 172 7.89 -2.06 -6.77
CA GLN B 172 8.07 -2.70 -8.07
C GLN B 172 6.71 -2.92 -8.73
N ASP B 173 6.63 -2.61 -10.02
CA ASP B 173 5.36 -2.70 -10.74
C ASP B 173 4.94 -4.16 -10.92
N SER B 174 3.66 -4.43 -10.70
CA SER B 174 3.13 -5.78 -10.76
C SER B 174 2.87 -6.25 -12.19
N LYS B 175 3.29 -5.50 -13.20
CA LYS B 175 2.99 -5.88 -14.58
C LYS B 175 4.26 -5.94 -15.44
N ASP B 176 5.13 -4.93 -15.36
CA ASP B 176 6.38 -4.93 -16.10
C ASP B 176 7.59 -4.96 -15.19
N SER B 177 7.40 -5.08 -13.88
CA SER B 177 8.49 -5.30 -12.94
C SER B 177 9.49 -4.14 -12.92
N THR B 178 9.04 -2.94 -13.27
CA THR B 178 9.89 -1.76 -13.26
C THR B 178 9.63 -0.92 -12.02
N TYR B 179 10.38 0.17 -11.89
CA TYR B 179 10.18 1.16 -10.87
C TYR B 179 9.95 2.52 -11.51
N SER B 180 9.31 3.42 -10.76
CA SER B 180 9.16 4.80 -11.18
C SER B 180 9.58 5.70 -10.03
N LEU B 181 10.04 6.90 -10.38
CA LEU B 181 10.56 7.84 -9.41
C LEU B 181 10.14 9.26 -9.79
N SER B 182 9.80 10.05 -8.79
CA SER B 182 9.49 11.47 -8.97
C SER B 182 10.45 12.30 -8.13
N SER B 183 10.92 13.40 -8.72
CA SER B 183 11.73 14.39 -8.01
C SER B 183 11.02 15.72 -8.10
N THR B 184 10.66 16.27 -6.94
CA THR B 184 9.89 17.51 -6.87
C THR B 184 10.80 18.63 -6.39
N LEU B 185 10.97 19.64 -7.22
CA LEU B 185 11.73 20.84 -6.86
C LEU B 185 10.73 21.92 -6.43
N THR B 186 10.89 22.43 -5.22
CA THR B 186 9.96 23.41 -4.65
C THR B 186 10.69 24.73 -4.40
N LEU B 187 10.13 25.81 -4.96
CA LEU B 187 10.64 27.15 -4.76
C LEU B 187 9.49 28.08 -4.42
N SER B 188 9.82 29.25 -3.92
CA SER B 188 8.83 30.31 -3.77
C SER B 188 8.54 30.91 -5.14
N LYS B 189 7.32 31.44 -5.29
CA LYS B 189 6.94 32.08 -6.55
C LYS B 189 7.96 33.15 -6.93
N ALA B 190 8.30 34.03 -5.98
CA ALA B 190 9.25 35.10 -6.27
C ALA B 190 10.58 34.56 -6.75
N ASP B 191 11.14 33.59 -6.02
CA ASP B 191 12.40 32.99 -6.42
C ASP B 191 12.25 32.27 -7.76
N TYR B 192 11.13 31.59 -7.96
CA TYR B 192 10.90 30.88 -9.21
C TYR B 192 10.93 31.83 -10.41
N GLU B 193 10.41 33.04 -10.24
CA GLU B 193 10.30 34.00 -11.34
C GLU B 193 11.61 34.73 -11.62
N LYS B 194 12.68 34.45 -10.87
CA LYS B 194 13.96 35.09 -11.10
C LYS B 194 14.88 34.27 -12.02
N HIS B 195 14.39 33.19 -12.60
CA HIS B 195 15.20 32.31 -13.43
C HIS B 195 14.40 31.83 -14.61
N LYS B 196 15.11 31.49 -15.70
CA LYS B 196 14.49 31.10 -16.96
C LYS B 196 14.42 29.59 -17.13
N VAL B 197 15.57 28.93 -17.14
CA VAL B 197 15.68 27.53 -17.54
C VAL B 197 15.63 26.64 -16.30
N TYR B 198 14.70 25.69 -16.31
CA TYR B 198 14.61 24.66 -15.27
C TYR B 198 14.80 23.31 -15.94
N ALA B 199 15.86 22.60 -15.54
CA ALA B 199 16.25 21.37 -16.21
C ALA B 199 16.34 20.22 -15.22
N CYS B 200 15.99 19.03 -15.69
CA CYS B 200 16.06 17.80 -14.90
C CYS B 200 17.01 16.84 -15.62
N GLU B 201 18.16 16.56 -15.01
CA GLU B 201 19.18 15.70 -15.59
C GLU B 201 19.10 14.33 -14.92
N VAL B 202 19.05 13.27 -15.74
CA VAL B 202 18.78 11.92 -15.29
C VAL B 202 19.94 11.02 -15.70
N THR B 203 20.42 10.21 -14.75
CA THR B 203 21.42 9.18 -14.99
C THR B 203 20.84 7.83 -14.62
N HIS B 204 21.03 6.84 -15.48
CA HIS B 204 20.53 5.50 -15.22
C HIS B 204 21.34 4.49 -16.02
N GLN B 205 21.32 3.24 -15.55
CA GLN B 205 22.11 2.18 -16.19
C GLN B 205 21.68 1.96 -17.63
N GLY B 206 20.39 2.14 -17.93
CA GLY B 206 19.89 2.00 -19.29
C GLY B 206 20.26 3.13 -20.23
N LEU B 207 20.90 4.17 -19.73
CA LEU B 207 21.31 5.32 -20.54
C LEU B 207 22.83 5.38 -20.60
N SER B 208 23.36 5.62 -21.80
CA SER B 208 24.81 5.73 -21.98
C SER B 208 25.33 7.10 -21.57
N SER B 209 24.50 8.13 -21.60
CA SER B 209 24.85 9.44 -21.11
C SER B 209 23.63 10.07 -20.47
N PRO B 210 23.81 11.04 -19.56
CA PRO B 210 22.66 11.61 -18.87
C PRO B 210 21.67 12.25 -19.84
N VAL B 211 20.38 12.09 -19.53
CA VAL B 211 19.29 12.68 -20.30
C VAL B 211 18.76 13.87 -19.53
N THR B 212 18.48 14.96 -20.25
CA THR B 212 17.97 16.19 -19.65
C THR B 212 16.64 16.56 -20.30
N LYS B 213 15.64 16.81 -19.46
CA LYS B 213 14.39 17.43 -19.87
C LYS B 213 14.29 18.78 -19.21
N SER B 214 13.99 19.82 -20.00
CA SER B 214 14.01 21.19 -19.51
C SER B 214 12.84 21.97 -20.11
N PHE B 215 12.66 23.19 -19.61
CA PHE B 215 11.67 24.10 -20.14
C PHE B 215 12.06 25.52 -19.74
N ASN B 216 11.57 26.48 -20.52
CA ASN B 216 11.74 27.90 -20.22
C ASN B 216 10.49 28.40 -19.50
N ARG B 217 10.70 29.12 -18.40
CA ARG B 217 9.59 29.50 -17.52
C ARG B 217 8.42 30.13 -18.28
N GLY B 218 8.65 30.64 -19.48
CA GLY B 218 7.56 31.16 -20.29
C GLY B 218 6.92 30.10 -21.17
N GLU B 219 6.12 29.24 -20.57
CA GLU B 219 5.48 28.10 -21.26
C GLU B 219 6.35 27.54 -22.38
N ASN C 3 -4.44 -29.23 22.19
CA ASN C 3 -5.65 -28.85 21.38
C ASN C 3 -5.61 -27.37 21.01
N PRO C 4 -6.49 -26.95 20.08
CA PRO C 4 -6.40 -25.57 19.58
C PRO C 4 -7.39 -24.59 20.21
N ASN C 5 -6.87 -23.53 20.83
CA ASN C 5 -7.66 -22.31 21.02
C ASN C 5 -8.10 -21.77 19.66
N ALA C 6 -7.13 -21.38 18.85
CA ALA C 6 -7.28 -21.32 17.39
C ALA C 6 -8.23 -20.17 17.05
N ASN C 7 -9.10 -20.35 16.06
CA ASN C 7 -9.90 -19.35 15.35
C ASN C 7 -11.25 -20.01 15.14
N PRO C 8 -12.31 -19.61 15.87
CA PRO C 8 -13.61 -20.27 15.74
C PRO C 8 -14.03 -20.56 14.31
N ASN C 9 -13.50 -19.80 13.35
CA ASN C 9 -13.86 -19.96 11.96
C ASN C 9 -13.23 -21.18 11.31
N ALA C 10 -12.09 -21.66 11.83
CA ALA C 10 -11.51 -22.93 11.37
C ALA C 10 -12.24 -24.04 12.11
N ASN C 11 -13.15 -24.71 11.40
CA ASN C 11 -14.14 -25.63 11.99
C ASN C 11 -13.82 -26.10 13.41
#